data_7WPV
#
_entry.id   7WPV
#
_cell.length_a   77.700
_cell.length_b   71.220
_cell.length_c   96.760
_cell.angle_alpha   90.000
_cell.angle_beta   99.070
_cell.angle_gamma   90.000
#
_symmetry.space_group_name_H-M   'C 1 2 1'
#
loop_
_entity.id
_entity.type
_entity.pdbx_description
1 polymer 'Fab14 light chain'
2 polymer 'Fab14 heavy chain'
3 water water
#
loop_
_entity_poly.entity_id
_entity_poly.type
_entity_poly.pdbx_seq_one_letter_code
_entity_poly.pdbx_strand_id
1 'polypeptide(L)'
;QAVVTQPASVSGSPGQSITISCTGTSSDIGAYNYISWYQQHPGKAPKLIIYEVSNRPSGISYRFSGSKSGNTASLTISGL
QAEDEANYYCSSYAGSISFGGGTKVTVLQPKANPTVTLFPPSSEELQANKATLVCLISDFYPGAVTVAWKADGSPVKAGV
ETTKPSKQSNNKYAASSYLSLTPEQWKSHRSYSCQVTHEGSTVEKTVAPTECS
;
L
2 'polypeptide(L)'
;EVQLQQSGPGLVKPSQTLSLTCAISGDSVSSNSAAWNWIRQSPSRGLEWLGRTYYRSKWYNDYAVSVKSRITINPDTSKN
QFSLQLNSVTPEDTAVYYCAREEQQLVHDYYYYGMDVWGQGTMVTVSSASTKGPSVFPLAPSSKSTSGGTAALGCLVKDY
FPEPVTVSWNSGALTSGVHTFPAVLQSSGLYSLSSVVTVPSSSLGTQTYICNVNHKPSNTKVDKRVEPKSCDKTH
;
H
#
# COMPACT_ATOMS: atom_id res chain seq x y z
N VAL A 3 -24.07 -8.05 2.50
CA VAL A 3 -23.52 -7.26 3.61
C VAL A 3 -23.09 -8.19 4.78
N VAL A 4 -21.81 -8.13 5.17
CA VAL A 4 -21.26 -9.04 6.18
C VAL A 4 -20.40 -8.25 7.16
N THR A 5 -20.80 -8.25 8.44
CA THR A 5 -20.18 -7.44 9.48
C THR A 5 -18.91 -8.08 10.02
N GLN A 6 -17.84 -7.29 10.10
CA GLN A 6 -16.68 -7.57 10.92
C GLN A 6 -16.39 -6.38 11.82
N PRO A 7 -15.83 -6.60 13.00
CA PRO A 7 -15.36 -5.47 13.81
C PRO A 7 -14.24 -4.75 13.11
N ALA A 8 -14.25 -3.43 13.22
CA ALA A 8 -13.25 -2.63 12.51
C ALA A 8 -11.84 -2.94 13.00
N SER A 9 -11.66 -3.02 14.30
CA SER A 9 -10.31 -2.98 14.86
C SER A 9 -10.25 -3.93 16.04
N VAL A 10 -9.22 -4.76 16.08
CA VAL A 10 -8.93 -5.63 17.21
C VAL A 10 -7.46 -5.46 17.58
N SER A 11 -7.17 -5.42 18.88
CA SER A 11 -5.78 -5.31 19.32
C SER A 11 -5.47 -6.44 20.31
N GLY A 12 -4.18 -6.74 20.45
CA GLY A 12 -3.75 -7.79 21.35
C GLY A 12 -2.27 -7.70 21.64
N SER A 13 -1.85 -8.34 22.75
CA SER A 13 -0.45 -8.42 23.11
C SER A 13 0.14 -9.71 22.59
N PRO A 14 1.46 -9.77 22.43
CA PRO A 14 2.09 -11.01 21.99
C PRO A 14 1.80 -12.14 22.97
N GLY A 15 1.53 -13.33 22.43
CA GLY A 15 1.19 -14.48 23.23
C GLY A 15 -0.29 -14.70 23.43
N GLN A 16 -1.08 -13.62 23.50
CA GLN A 16 -2.51 -13.75 23.68
C GLN A 16 -3.16 -14.42 22.47
N SER A 17 -4.49 -14.59 22.56
CA SER A 17 -5.32 -15.20 21.54
C SER A 17 -6.47 -14.27 21.23
N ILE A 18 -6.87 -14.26 19.94
CA ILE A 18 -7.79 -13.27 19.39
C ILE A 18 -8.85 -13.97 18.55
N THR A 19 -10.04 -13.39 18.45
CA THR A 19 -11.10 -14.00 17.65
C THR A 19 -11.93 -12.95 16.93
N ILE A 20 -11.91 -13.01 15.61
CA ILE A 20 -12.57 -12.02 14.76
C ILE A 20 -13.94 -12.58 14.39
N SER A 21 -14.99 -11.85 14.75
CA SER A 21 -16.33 -12.22 14.33
C SER A 21 -16.62 -11.84 12.88
N CYS A 22 -17.35 -12.70 12.18
CA CYS A 22 -17.82 -12.40 10.83
C CYS A 22 -19.28 -12.83 10.75
N THR A 23 -20.20 -11.86 10.79
CA THR A 23 -21.64 -12.20 10.86
C THR A 23 -22.40 -11.66 9.67
N GLY A 24 -23.32 -12.45 9.14
CA GLY A 24 -24.10 -12.04 7.96
C GLY A 24 -25.52 -12.56 8.02
N THR A 25 -26.03 -13.01 6.88
CA THR A 25 -27.44 -13.46 6.82
C THR A 25 -27.49 -14.92 6.40
N SER A 26 -28.66 -15.54 6.49
CA SER A 26 -28.86 -16.95 6.07
C SER A 26 -28.63 -17.06 4.57
N SER A 27 -28.50 -15.93 3.90
CA SER A 27 -28.29 -15.92 2.42
C SER A 27 -26.84 -15.58 2.10
N ASP A 28 -25.95 -15.63 3.08
CA ASP A 28 -24.54 -15.19 2.84
C ASP A 28 -23.59 -16.11 3.57
N ILE A 29 -23.64 -16.12 4.90
CA ILE A 29 -22.68 -16.92 5.71
C ILE A 29 -23.31 -18.25 6.06
N GLY A 30 -24.56 -18.26 6.53
CA GLY A 30 -25.17 -19.52 6.99
C GLY A 30 -25.71 -20.35 5.83
N ALA A 31 -25.64 -19.81 4.62
CA ALA A 31 -26.17 -20.50 3.43
C ALA A 31 -25.37 -21.77 3.17
N TYR A 32 -24.05 -21.64 3.15
CA TYR A 32 -23.20 -22.82 2.94
C TYR A 32 -22.01 -22.74 3.87
N ASN A 33 -21.08 -23.68 3.73
CA ASN A 33 -19.89 -23.71 4.60
C ASN A 33 -18.69 -23.40 3.71
N TYR A 34 -18.94 -22.65 2.63
CA TYR A 34 -17.84 -22.23 1.75
C TYR A 34 -17.33 -20.87 2.23
N ILE A 35 -16.80 -20.84 3.46
CA ILE A 35 -16.29 -19.57 4.04
C ILE A 35 -14.76 -19.58 3.96
N SER A 36 -14.18 -18.45 3.54
CA SER A 36 -12.72 -18.36 3.44
C SER A 36 -12.23 -17.10 4.16
N TRP A 37 -11.05 -17.16 4.77
CA TRP A 37 -10.45 -16.01 5.44
C TRP A 37 -9.15 -15.62 4.74
N TYR A 38 -8.87 -14.32 4.74
CA TYR A 38 -7.72 -13.77 4.04
C TYR A 38 -6.95 -12.85 4.96
N GLN A 39 -5.65 -12.79 4.72
CA GLN A 39 -4.73 -11.96 5.48
C GLN A 39 -4.09 -10.99 4.50
N GLN A 40 -4.01 -9.72 4.89
CA GLN A 40 -3.44 -8.72 3.99
C GLN A 40 -2.53 -7.79 4.76
N HIS A 41 -1.27 -7.79 4.39
CA HIS A 41 -0.34 -6.78 4.87
C HIS A 41 -0.38 -5.57 3.94
N PRO A 42 -0.01 -4.38 4.41
CA PRO A 42 -0.27 -3.17 3.62
C PRO A 42 0.53 -3.18 2.32
N GLY A 43 -0.12 -2.74 1.24
CA GLY A 43 0.54 -2.73 -0.05
C GLY A 43 0.89 -4.09 -0.60
N LYS A 44 0.30 -5.16 -0.09
CA LYS A 44 0.46 -6.49 -0.63
C LYS A 44 -0.91 -7.10 -0.88
N ALA A 45 -0.93 -8.16 -1.67
CA ALA A 45 -2.18 -8.81 -2.00
C ALA A 45 -2.65 -9.69 -0.84
N PRO A 46 -3.96 -9.94 -0.78
CA PRO A 46 -4.48 -10.82 0.23
C PRO A 46 -3.95 -12.25 0.05
N LYS A 47 -3.97 -13.06 1.11
CA LYS A 47 -3.55 -14.49 1.02
C LYS A 47 -4.56 -15.36 1.73
N LEU A 48 -4.90 -16.50 1.12
CA LEU A 48 -5.84 -17.46 1.73
C LEU A 48 -5.14 -18.08 2.92
N ILE A 49 -5.80 -18.05 4.07
CA ILE A 49 -5.21 -18.59 5.30
C ILE A 49 -6.19 -19.62 5.85
N ILE A 50 -7.46 -19.49 5.47
CA ILE A 50 -8.51 -20.47 5.91
C ILE A 50 -9.51 -20.67 4.78
N TYR A 51 -9.84 -21.92 4.48
CA TYR A 51 -10.87 -22.23 3.47
C TYR A 51 -11.88 -23.21 4.10
N GLU A 52 -13.12 -23.16 3.66
CA GLU A 52 -14.16 -24.08 4.18
C GLU A 52 -14.22 -24.02 5.70
N VAL A 53 -14.33 -22.82 6.28
CA VAL A 53 -14.52 -22.61 7.74
C VAL A 53 -13.31 -22.96 8.58
N SER A 54 -12.75 -24.15 8.40
CA SER A 54 -11.68 -24.60 9.32
C SER A 54 -10.44 -25.13 8.62
N ASN A 55 -10.39 -25.09 7.30
CA ASN A 55 -9.26 -25.75 6.62
C ASN A 55 -8.07 -24.79 6.47
N ARG A 56 -6.89 -25.27 6.84
CA ARG A 56 -5.67 -24.45 6.73
C ARG A 56 -4.97 -24.84 5.44
N PRO A 57 -4.80 -23.92 4.49
CA PRO A 57 -4.04 -24.24 3.31
C PRO A 57 -2.63 -24.62 3.74
N SER A 58 -1.91 -25.33 2.88
CA SER A 58 -0.55 -25.80 3.24
C SER A 58 0.37 -24.60 3.36
N GLY A 59 1.04 -24.46 4.51
CA GLY A 59 1.94 -23.31 4.73
C GLY A 59 1.48 -22.45 5.90
N ILE A 60 0.21 -22.50 6.23
CA ILE A 60 -0.33 -21.61 7.30
C ILE A 60 -0.15 -22.28 8.66
N SER A 61 0.30 -21.50 9.64
CA SER A 61 0.55 -22.03 11.00
C SER A 61 -0.74 -22.51 11.63
N TYR A 62 -0.61 -23.30 12.70
CA TYR A 62 -1.78 -23.86 13.39
C TYR A 62 -2.31 -22.79 14.32
N ARG A 63 -1.56 -21.71 14.40
CA ARG A 63 -1.99 -20.60 15.28
C ARG A 63 -3.27 -20.05 14.67
N PHE A 64 -3.55 -20.46 13.44
CA PHE A 64 -4.74 -19.92 12.74
C PHE A 64 -5.85 -20.97 12.78
N SER A 65 -6.94 -20.61 13.44
CA SER A 65 -8.07 -21.54 13.59
C SER A 65 -9.33 -20.88 13.06
N GLY A 66 -10.26 -21.69 12.58
CA GLY A 66 -11.51 -21.19 12.04
C GLY A 66 -12.67 -22.08 12.46
N SER A 67 -13.82 -21.44 12.66
CA SER A 67 -15.02 -22.14 13.10
C SER A 67 -16.26 -21.43 12.57
N LYS A 68 -17.41 -22.05 12.76
CA LYS A 68 -18.67 -21.41 12.41
C LYS A 68 -19.76 -21.88 13.37
N SER A 69 -20.66 -20.96 13.72
CA SER A 69 -21.85 -21.27 14.49
C SER A 69 -22.97 -20.36 14.00
N GLY A 70 -24.03 -20.97 13.52
CA GLY A 70 -25.19 -20.19 13.11
C GLY A 70 -24.84 -19.32 11.92
N ASN A 71 -25.10 -18.03 12.07
CA ASN A 71 -24.81 -17.05 11.02
C ASN A 71 -23.57 -16.23 11.36
N THR A 72 -22.64 -16.84 12.09
CA THR A 72 -21.38 -16.21 12.45
C THR A 72 -20.25 -17.21 12.27
N ALA A 73 -19.46 -17.00 11.23
CA ALA A 73 -18.16 -17.60 11.09
C ALA A 73 -17.16 -16.81 11.93
N SER A 74 -16.04 -17.45 12.22
CA SER A 74 -15.11 -16.78 13.12
C SER A 74 -13.73 -17.36 12.95
N LEU A 75 -12.73 -16.49 13.12
CA LEU A 75 -11.31 -16.81 12.98
C LEU A 75 -10.62 -16.62 14.32
N THR A 76 -9.60 -17.42 14.59
CA THR A 76 -8.89 -17.26 15.86
C THR A 76 -7.40 -17.40 15.62
N ILE A 77 -6.64 -16.48 16.22
CA ILE A 77 -5.18 -16.45 16.16
C ILE A 77 -4.66 -16.68 17.57
N SER A 78 -3.97 -17.79 17.80
CA SER A 78 -3.33 -18.04 19.08
C SER A 78 -1.86 -17.67 19.00
N GLY A 79 -1.29 -17.32 20.15
CA GLY A 79 0.13 -17.02 20.22
C GLY A 79 0.50 -15.83 19.35
N LEU A 80 -0.30 -14.78 19.47
CA LEU A 80 -0.23 -13.59 18.64
C LEU A 80 1.20 -13.10 18.45
N GLN A 81 1.74 -13.22 17.25
CA GLN A 81 3.07 -12.71 16.94
C GLN A 81 2.97 -11.37 16.20
N ALA A 82 4.10 -10.66 16.16
CA ALA A 82 4.08 -9.33 15.57
C ALA A 82 3.76 -9.38 14.08
N GLU A 83 4.12 -10.48 13.41
CA GLU A 83 3.81 -10.66 11.99
C GLU A 83 2.32 -10.85 11.74
N ASP A 84 1.52 -11.04 12.78
CA ASP A 84 0.07 -11.19 12.62
C ASP A 84 -0.64 -9.85 12.43
N GLU A 85 0.04 -8.72 12.65
CA GLU A 85 -0.56 -7.43 12.37
C GLU A 85 -0.84 -7.29 10.87
N ALA A 86 -2.12 -7.14 10.53
CA ALA A 86 -2.59 -7.12 9.14
C ALA A 86 -4.10 -6.93 9.14
N ASN A 87 -4.66 -6.77 7.92
CA ASN A 87 -6.10 -6.84 7.74
C ASN A 87 -6.55 -8.27 7.55
N TYR A 88 -7.77 -8.54 7.96
CA TYR A 88 -8.31 -9.88 7.79
C TYR A 88 -9.72 -9.76 7.27
N TYR A 89 -10.07 -10.60 6.30
CA TYR A 89 -11.40 -10.61 5.72
C TYR A 89 -11.93 -12.03 5.61
N CYS A 90 -13.19 -12.21 5.99
CA CYS A 90 -13.93 -13.40 5.61
C CYS A 90 -14.59 -13.22 4.26
N SER A 91 -14.81 -14.31 3.54
CA SER A 91 -15.61 -14.27 2.33
C SER A 91 -16.45 -15.53 2.23
N SER A 92 -17.59 -15.39 1.53
CA SER A 92 -18.54 -16.49 1.42
C SER A 92 -19.01 -16.64 -0.01
N TYR A 93 -19.04 -17.89 -0.46
CA TYR A 93 -19.56 -18.27 -1.77
C TYR A 93 -21.06 -18.57 -1.68
N ALA A 94 -21.83 -17.96 -2.56
CA ALA A 94 -23.22 -18.32 -2.81
C ALA A 94 -23.54 -17.89 -4.23
N GLY A 95 -22.92 -18.55 -5.20
CA GLY A 95 -22.89 -18.02 -6.55
C GLY A 95 -22.02 -16.77 -6.59
N SER A 96 -22.56 -15.66 -6.11
CA SER A 96 -21.80 -14.44 -5.91
C SER A 96 -20.94 -14.56 -4.66
N ILE A 97 -19.98 -13.63 -4.53
CA ILE A 97 -18.98 -13.69 -3.47
C ILE A 97 -19.08 -12.44 -2.60
N SER A 98 -19.24 -12.63 -1.31
CA SER A 98 -19.40 -11.54 -0.36
C SER A 98 -18.21 -11.49 0.57
N PHE A 99 -17.58 -10.33 0.68
CA PHE A 99 -16.51 -10.11 1.64
C PHE A 99 -17.05 -9.36 2.84
N GLY A 100 -16.48 -9.64 4.01
CA GLY A 100 -16.73 -8.82 5.16
C GLY A 100 -15.96 -7.52 5.08
N GLY A 101 -16.39 -6.54 5.86
CA GLY A 101 -15.82 -5.21 5.80
C GLY A 101 -14.38 -5.10 6.26
N GLY A 102 -13.84 -6.11 6.92
CA GLY A 102 -12.43 -6.09 7.28
C GLY A 102 -12.20 -5.82 8.76
N THR A 103 -11.08 -6.32 9.28
CA THR A 103 -10.68 -6.13 10.66
C THR A 103 -9.18 -5.90 10.71
N LYS A 104 -8.77 -4.70 11.09
CA LYS A 104 -7.36 -4.42 11.30
C LYS A 104 -6.95 -4.97 12.67
N VAL A 105 -5.96 -5.84 12.70
CA VAL A 105 -5.47 -6.51 13.89
C VAL A 105 -4.14 -5.89 14.28
N THR A 106 -4.08 -5.31 15.48
CA THR A 106 -2.88 -4.68 16.01
C THR A 106 -2.21 -5.62 17.01
N VAL A 107 -0.89 -5.71 16.92
CA VAL A 107 -0.14 -6.48 17.96
C VAL A 107 0.53 -5.45 18.85
N LEU A 108 0.10 -5.35 20.10
CA LEU A 108 0.61 -4.29 21.02
C LEU A 108 2.12 -4.38 21.20
N GLN A 109 2.75 -3.22 21.36
CA GLN A 109 4.21 -3.12 21.44
C GLN A 109 4.53 -2.03 22.44
N PRO A 110 5.75 -2.03 23.01
CA PRO A 110 6.15 -0.98 23.91
C PRO A 110 6.32 0.35 23.17
N LYS A 111 6.20 1.46 23.89
CA LYS A 111 6.35 2.81 23.30
C LYS A 111 7.75 3.01 22.72
N ALA A 112 7.85 3.84 21.69
CA ALA A 112 9.12 4.13 21.04
C ALA A 112 9.14 5.59 20.59
N ASN A 113 10.24 6.24 20.76
CA ASN A 113 10.26 7.64 20.40
C ASN A 113 10.80 7.81 19.00
N PRO A 114 10.45 8.87 18.27
CA PRO A 114 10.74 8.92 16.85
C PRO A 114 12.17 9.32 16.53
N THR A 115 12.68 8.75 15.45
CA THR A 115 13.86 9.31 14.80
C THR A 115 13.40 10.41 13.85
N VAL A 116 14.11 11.54 13.87
CA VAL A 116 13.74 12.73 13.12
C VAL A 116 14.93 13.18 12.25
N THR A 117 14.68 13.39 10.97
CA THR A 117 15.73 13.85 10.06
C THR A 117 15.20 15.00 9.21
N LEU A 118 15.98 16.08 9.12
CA LEU A 118 15.56 17.31 8.46
C LEU A 118 16.49 17.58 7.30
N PHE A 119 15.92 17.73 6.10
CA PHE A 119 16.75 18.07 4.96
C PHE A 119 16.45 19.49 4.50
N PRO A 120 17.48 20.29 4.26
CA PRO A 120 17.26 21.62 3.70
C PRO A 120 16.89 21.50 2.23
N PRO A 121 16.55 22.60 1.58
CA PRO A 121 16.29 22.51 0.14
C PRO A 121 17.57 22.23 -0.63
N SER A 122 17.47 21.36 -1.62
CA SER A 122 18.57 21.11 -2.53
C SER A 122 18.81 22.33 -3.40
N SER A 123 20.09 22.57 -3.71
CA SER A 123 20.46 23.64 -4.63
C SER A 123 19.85 23.46 -6.01
N GLU A 124 19.57 22.22 -6.39
CA GLU A 124 18.86 21.95 -7.62
C GLU A 124 17.44 22.51 -7.55
N GLU A 125 16.70 22.29 -6.48
CA GLU A 125 15.29 22.77 -6.47
C GLU A 125 15.27 24.29 -6.41
N LEU A 126 16.26 24.89 -5.79
CA LEU A 126 16.29 26.35 -5.63
C LEU A 126 16.47 27.01 -6.99
N GLN A 127 17.23 26.38 -7.88
CA GLN A 127 17.48 26.94 -9.23
C GLN A 127 16.19 26.83 -10.03
N ALA A 128 15.27 25.96 -9.63
CA ALA A 128 13.96 25.85 -10.29
C ALA A 128 12.94 26.71 -9.55
N ASN A 129 13.40 27.74 -8.85
CA ASN A 129 12.52 28.70 -8.13
C ASN A 129 11.57 27.96 -7.16
N LYS A 130 12.10 27.04 -6.38
CA LYS A 130 11.28 26.29 -5.41
C LYS A 130 12.14 25.93 -4.17
N ALA A 131 11.52 25.85 -2.99
CA ALA A 131 12.23 25.54 -1.75
C ALA A 131 11.36 24.63 -0.91
N THR A 132 11.79 23.40 -0.70
CA THR A 132 11.03 22.46 0.12
C THR A 132 11.92 21.94 1.24
N LEU A 133 11.49 22.12 2.49
CA LEU A 133 12.12 21.51 3.65
C LEU A 133 11.42 20.21 3.99
N VAL A 134 12.19 19.13 4.17
CA VAL A 134 11.67 17.78 4.33
C VAL A 134 12.04 17.26 5.70
N CYS A 135 11.03 16.92 6.51
CA CYS A 135 11.19 16.44 7.88
C CYS A 135 10.65 15.02 7.97
N LEU A 136 11.54 14.07 8.22
CA LEU A 136 11.21 12.66 8.15
C LEU A 136 11.18 12.06 9.56
N ILE A 137 10.05 11.48 9.91
CA ILE A 137 9.78 10.97 11.24
C ILE A 137 9.49 9.49 11.12
N SER A 138 10.26 8.67 11.81
CA SER A 138 10.14 7.22 11.67
C SER A 138 10.36 6.55 13.02
N ASP A 139 9.92 5.29 13.10
CA ASP A 139 10.22 4.43 14.25
C ASP A 139 9.61 4.92 15.56
N PHE A 140 8.34 5.33 15.53
CA PHE A 140 7.65 5.72 16.75
C PHE A 140 6.45 4.82 16.97
N TYR A 141 6.01 4.78 18.23
CA TYR A 141 4.90 3.93 18.63
C TYR A 141 4.30 4.49 19.92
N PRO A 142 2.97 4.63 20.03
CA PRO A 142 1.92 4.39 19.03
C PRO A 142 1.90 5.42 17.90
N GLY A 143 0.97 5.28 16.96
CA GLY A 143 0.99 6.04 15.72
C GLY A 143 0.33 7.39 15.80
N ALA A 144 0.94 8.30 16.55
CA ALA A 144 0.40 9.65 16.75
C ALA A 144 1.56 10.57 17.10
N VAL A 145 1.75 11.62 16.30
CA VAL A 145 2.78 12.62 16.55
C VAL A 145 2.20 13.99 16.31
N THR A 146 2.96 15.00 16.73
CA THR A 146 2.61 16.39 16.57
C THR A 146 3.83 17.05 15.97
N VAL A 147 3.69 17.65 14.81
CA VAL A 147 4.80 18.28 14.12
C VAL A 147 4.52 19.77 14.08
N ALA A 148 5.45 20.58 14.60
CA ALA A 148 5.41 22.02 14.46
C ALA A 148 6.67 22.48 13.75
N TRP A 149 6.57 23.61 13.06
CA TRP A 149 7.72 24.19 12.34
C TRP A 149 7.94 25.59 12.86
N LYS A 150 9.19 26.03 12.87
CA LYS A 150 9.55 27.36 13.37
C LYS A 150 10.56 27.99 12.44
N ALA A 151 10.54 29.31 12.33
CA ALA A 151 11.52 30.02 11.52
C ALA A 151 12.13 31.08 12.41
N ASP A 152 13.45 31.13 12.46
CA ASP A 152 14.14 32.10 13.34
C ASP A 152 13.46 32.04 14.70
N GLY A 153 13.02 30.87 15.12
CA GLY A 153 12.42 30.70 16.45
C GLY A 153 10.92 30.89 16.50
N SER A 154 10.31 31.47 15.47
CA SER A 154 8.87 31.80 15.54
C SER A 154 8.04 30.68 14.93
N PRO A 155 6.94 30.28 15.58
CA PRO A 155 6.09 29.24 15.05
C PRO A 155 5.61 29.58 13.63
N VAL A 156 5.51 28.58 12.76
CA VAL A 156 5.08 28.78 11.35
C VAL A 156 3.96 27.81 11.01
N LYS A 157 2.90 28.30 10.37
CA LYS A 157 1.76 27.51 9.93
C LYS A 157 1.57 27.52 8.41
N ALA A 158 1.91 28.62 7.75
CA ALA A 158 1.77 28.73 6.31
C ALA A 158 2.73 27.80 5.57
N GLY A 159 2.18 26.94 4.71
CA GLY A 159 2.99 26.13 3.82
C GLY A 159 3.39 24.78 4.36
N VAL A 160 2.73 24.28 5.40
CA VAL A 160 3.10 23.00 6.02
C VAL A 160 2.13 21.93 5.55
N GLU A 161 2.67 20.79 5.17
CA GLU A 161 1.86 19.62 4.84
C GLU A 161 2.51 18.41 5.50
N THR A 162 1.73 17.70 6.32
CA THR A 162 2.17 16.59 7.16
C THR A 162 1.31 15.36 6.90
N THR A 163 1.93 14.20 6.76
CA THR A 163 1.19 12.99 6.47
C THR A 163 0.68 12.36 7.75
N LYS A 164 -0.47 11.70 7.65
CA LYS A 164 -0.87 10.69 8.61
C LYS A 164 0.27 9.71 8.86
N PRO A 165 0.35 9.17 10.06
CA PRO A 165 1.31 8.09 10.32
C PRO A 165 0.93 6.88 9.49
N SER A 166 1.93 6.09 9.15
CA SER A 166 1.69 4.88 8.39
C SER A 166 2.53 3.76 8.96
N LYS A 167 1.98 2.55 8.90
CA LYS A 167 2.60 1.36 9.45
C LYS A 167 3.84 0.97 8.65
N GLN A 168 5.00 0.91 9.34
CA GLN A 168 6.22 0.31 8.81
C GLN A 168 6.13 -1.22 8.90
N SER A 169 7.20 -1.89 8.47
CA SER A 169 7.17 -3.35 8.51
C SER A 169 7.54 -3.90 9.87
N ASN A 170 8.00 -3.06 10.79
CA ASN A 170 8.21 -3.45 12.18
C ASN A 170 7.08 -2.98 13.09
N ASN A 171 5.90 -2.70 12.50
CA ASN A 171 4.69 -2.30 13.21
C ASN A 171 4.85 -0.97 13.95
N LYS A 172 6.01 -0.33 13.79
CA LYS A 172 6.15 1.05 14.22
C LYS A 172 5.56 1.96 13.14
N TYR A 173 5.66 3.27 13.33
CA TYR A 173 4.98 4.19 12.44
C TYR A 173 5.94 5.23 11.91
N ALA A 174 5.71 5.65 10.68
CA ALA A 174 6.48 6.68 10.00
C ALA A 174 5.55 7.82 9.64
N ALA A 175 6.13 9.02 9.51
CA ALA A 175 5.39 10.16 9.02
C ALA A 175 6.37 11.08 8.32
N SER A 176 5.85 12.03 7.55
CA SER A 176 6.71 13.00 6.89
C SER A 176 5.98 14.33 6.85
N SER A 177 6.75 15.41 6.87
CA SER A 177 6.17 16.75 6.92
C SER A 177 7.03 17.67 6.07
N TYR A 178 6.37 18.50 5.27
CA TYR A 178 7.04 19.37 4.30
C TYR A 178 6.64 20.80 4.54
N LEU A 179 7.62 21.70 4.45
CA LEU A 179 7.38 23.13 4.57
C LEU A 179 7.82 23.76 3.26
N SER A 180 6.85 24.27 2.52
CA SER A 180 7.06 24.92 1.23
C SER A 180 7.29 26.42 1.39
N LEU A 181 8.35 26.92 0.75
CA LEU A 181 8.64 28.33 0.70
C LEU A 181 9.10 28.69 -0.71
N THR A 182 9.21 29.99 -0.95
CA THR A 182 9.97 30.49 -2.08
C THR A 182 11.45 30.52 -1.71
N PRO A 183 12.34 30.54 -2.69
CA PRO A 183 13.78 30.64 -2.34
C PRO A 183 14.13 31.90 -1.55
N GLU A 184 13.31 32.96 -1.67
CA GLU A 184 13.60 34.22 -0.98
C GLU A 184 13.34 34.10 0.51
N GLN A 185 12.16 33.60 0.89
CA GLN A 185 11.88 33.32 2.30
C GLN A 185 12.89 32.34 2.88
N TRP A 186 13.31 31.34 2.11
CA TRP A 186 14.36 30.45 2.60
C TRP A 186 15.64 31.22 2.90
N LYS A 187 15.88 32.33 2.20
CA LYS A 187 17.06 33.15 2.42
C LYS A 187 16.84 34.27 3.44
N SER A 188 15.59 34.70 3.64
CA SER A 188 15.25 35.79 4.57
C SER A 188 15.32 35.39 6.04
N HIS A 189 15.56 34.12 6.33
CA HIS A 189 15.73 33.67 7.70
C HIS A 189 17.07 32.96 7.81
N ARG A 190 17.60 32.95 9.03
CA ARG A 190 18.83 32.22 9.29
C ARG A 190 18.62 30.93 10.05
N SER A 191 17.38 30.50 10.21
CA SER A 191 17.11 29.27 10.95
C SER A 191 15.74 28.75 10.55
N TYR A 192 15.64 27.43 10.39
CA TYR A 192 14.36 26.77 10.24
C TYR A 192 14.38 25.50 11.09
N SER A 193 13.24 25.14 11.68
CA SER A 193 13.21 23.97 12.54
C SER A 193 11.97 23.13 12.33
N CYS A 194 12.14 21.83 12.54
CA CYS A 194 11.08 20.85 12.60
C CYS A 194 11.04 20.29 14.02
N GLN A 195 9.86 20.34 14.65
CA GLN A 195 9.68 19.91 16.04
C GLN A 195 8.67 18.79 16.10
N VAL A 196 9.05 17.68 16.72
CA VAL A 196 8.23 16.49 16.70
C VAL A 196 7.97 16.10 18.15
N THR A 197 6.70 16.09 18.53
CA THR A 197 6.30 15.74 19.87
C THR A 197 5.61 14.38 19.85
N HIS A 198 5.87 13.59 20.88
CA HIS A 198 5.34 12.23 20.92
C HIS A 198 5.35 11.81 22.38
N GLU A 199 4.16 11.50 22.92
CA GLU A 199 3.97 11.30 24.35
C GLU A 199 4.53 12.50 25.09
N GLY A 200 5.56 12.27 25.90
CA GLY A 200 6.25 13.37 26.54
C GLY A 200 7.23 14.06 25.61
N SER A 201 8.22 13.28 25.16
CA SER A 201 9.34 13.75 24.34
C SER A 201 8.92 14.75 23.26
N THR A 202 9.75 15.77 23.08
CA THR A 202 9.82 16.55 21.86
C THR A 202 11.25 16.46 21.34
N VAL A 203 11.40 16.35 20.02
CA VAL A 203 12.70 16.33 19.36
C VAL A 203 12.72 17.39 18.27
N GLU A 204 13.74 18.22 18.27
CA GLU A 204 13.77 19.36 17.39
C GLU A 204 15.08 19.34 16.60
N LYS A 205 14.99 19.64 15.31
CA LYS A 205 16.15 19.68 14.44
C LYS A 205 16.15 21.02 13.72
N THR A 206 17.34 21.55 13.45
CA THR A 206 17.43 22.86 12.82
C THR A 206 18.38 22.83 11.63
N VAL A 207 18.05 23.60 10.60
CA VAL A 207 18.90 23.79 9.44
C VAL A 207 19.06 25.30 9.26
N ALA A 208 20.12 25.69 8.57
CA ALA A 208 20.38 27.08 8.30
C ALA A 208 20.88 27.19 6.87
N PRO A 209 20.52 28.27 6.14
CA PRO A 209 20.83 28.33 4.72
C PRO A 209 22.32 28.46 4.38
N THR A 210 23.22 28.55 5.36
CA THR A 210 24.64 28.63 5.04
C THR A 210 25.12 27.28 4.53
N GLU A 211 25.22 27.17 3.21
CA GLU A 211 25.50 25.90 2.55
C GLU A 211 26.51 26.07 1.42
N GLU B 1 4.76 -23.12 -9.59
CA GLU B 1 4.25 -21.81 -9.15
C GLU B 1 3.33 -21.13 -10.17
N VAL B 2 2.07 -20.97 -9.80
CA VAL B 2 1.11 -20.21 -10.59
C VAL B 2 1.26 -18.72 -10.26
N GLN B 3 1.41 -17.90 -11.29
CA GLN B 3 1.62 -16.48 -11.10
C GLN B 3 0.69 -15.70 -12.00
N LEU B 4 0.25 -14.54 -11.53
CA LEU B 4 -0.66 -13.68 -12.27
C LEU B 4 0.00 -12.33 -12.47
N GLN B 5 0.37 -12.02 -13.70
CA GLN B 5 1.02 -10.76 -14.03
C GLN B 5 -0.02 -9.77 -14.53
N GLN B 6 -0.17 -8.63 -13.86
CA GLN B 6 -1.22 -7.68 -14.12
C GLN B 6 -0.71 -6.50 -14.95
N SER B 7 -1.64 -5.60 -15.26
CA SER B 7 -1.63 -4.72 -16.42
C SER B 7 -1.12 -3.31 -16.17
N GLY B 8 -0.37 -3.05 -15.10
CA GLY B 8 0.32 -1.78 -14.93
C GLY B 8 -0.57 -0.57 -14.62
N PRO B 9 -0.19 0.24 -13.62
CA PRO B 9 -1.09 1.25 -13.09
C PRO B 9 -1.22 2.47 -13.98
N GLY B 10 -2.37 3.12 -13.89
CA GLY B 10 -2.52 4.36 -14.62
C GLY B 10 -3.81 5.08 -14.29
N LEU B 11 -4.08 6.11 -15.09
CA LEU B 11 -5.26 6.97 -14.90
C LEU B 11 -6.30 6.74 -15.98
N VAL B 12 -7.55 6.60 -15.57
CA VAL B 12 -8.65 6.54 -16.56
C VAL B 12 -9.41 7.85 -16.39
N LYS B 13 -9.56 8.59 -17.46
CA LYS B 13 -10.29 9.87 -17.42
C LYS B 13 -11.77 9.53 -17.30
N PRO B 14 -12.61 10.43 -16.75
CA PRO B 14 -14.02 10.12 -16.52
C PRO B 14 -14.90 9.83 -17.75
N SER B 15 -15.83 8.88 -17.62
CA SER B 15 -16.80 8.49 -18.70
C SER B 15 -16.13 7.54 -19.69
N GLN B 16 -14.84 7.36 -19.57
CA GLN B 16 -14.08 6.43 -20.45
C GLN B 16 -14.22 5.01 -19.92
N THR B 17 -13.64 4.05 -20.62
CA THR B 17 -13.73 2.63 -20.22
C THR B 17 -12.43 2.16 -19.56
N LEU B 18 -12.55 1.48 -18.43
CA LEU B 18 -11.37 0.90 -17.73
C LEU B 18 -11.09 -0.45 -18.39
N SER B 19 -9.83 -0.75 -18.56
CA SER B 19 -9.43 -1.97 -19.25
C SER B 19 -8.16 -2.49 -18.60
N LEU B 20 -8.21 -3.73 -18.10
CA LEU B 20 -7.06 -4.34 -17.42
C LEU B 20 -6.89 -5.77 -17.92
N THR B 21 -5.65 -6.25 -17.90
CA THR B 21 -5.36 -7.59 -18.36
C THR B 21 -4.61 -8.37 -17.29
N CYS B 22 -5.03 -9.61 -17.08
CA CYS B 22 -4.37 -10.55 -16.18
C CYS B 22 -3.82 -11.71 -17.02
N ALA B 23 -2.50 -11.88 -17.01
CA ALA B 23 -1.84 -12.93 -17.78
C ALA B 23 -1.40 -14.06 -16.86
N ILE B 24 -1.93 -15.27 -17.09
CA ILE B 24 -1.70 -16.44 -16.26
C ILE B 24 -0.44 -17.14 -16.76
N SER B 25 0.34 -17.71 -15.85
CA SER B 25 1.45 -18.55 -16.28
C SER B 25 1.66 -19.63 -15.21
N GLY B 26 1.64 -20.89 -15.66
CA GLY B 26 1.62 -22.02 -14.76
C GLY B 26 0.25 -22.64 -14.57
N ASP B 27 -0.75 -22.13 -15.27
CA ASP B 27 -2.10 -22.68 -15.25
C ASP B 27 -2.74 -22.30 -16.57
N SER B 28 -3.87 -22.95 -16.87
CA SER B 28 -4.60 -22.73 -18.11
C SER B 28 -5.85 -21.92 -17.83
N VAL B 29 -6.10 -20.90 -18.64
CA VAL B 29 -7.27 -20.04 -18.44
C VAL B 29 -8.56 -20.84 -18.62
N SER B 30 -8.51 -21.97 -19.32
CA SER B 30 -9.67 -22.82 -19.54
C SER B 30 -9.69 -24.03 -18.61
N SER B 31 -9.01 -23.94 -17.47
CA SER B 31 -8.92 -25.04 -16.52
C SER B 31 -10.30 -25.57 -16.13
N ASN B 32 -10.41 -26.89 -16.12
CA ASN B 32 -11.54 -27.60 -15.53
C ASN B 32 -11.86 -27.09 -14.14
N SER B 33 -10.82 -26.86 -13.32
CA SER B 33 -10.96 -26.73 -11.88
C SER B 33 -10.83 -25.28 -11.39
N ALA B 34 -10.95 -24.31 -12.29
CA ALA B 34 -10.65 -22.93 -11.96
C ALA B 34 -11.79 -22.02 -12.38
N ALA B 35 -11.70 -20.79 -11.89
CA ALA B 35 -12.50 -19.64 -12.30
C ALA B 35 -11.59 -18.43 -12.19
N TRP B 36 -11.78 -17.45 -13.08
CA TRP B 36 -10.88 -16.29 -13.13
C TRP B 36 -11.66 -15.05 -12.77
N ASN B 37 -11.35 -14.49 -11.61
CA ASN B 37 -12.13 -13.41 -11.03
C ASN B 37 -11.41 -12.07 -11.11
N TRP B 38 -12.21 -11.02 -10.98
CA TRP B 38 -11.73 -9.67 -10.74
C TRP B 38 -12.34 -9.18 -9.44
N ILE B 39 -11.49 -8.61 -8.60
CA ILE B 39 -11.85 -8.07 -7.29
C ILE B 39 -11.18 -6.71 -7.17
N ARG B 40 -11.90 -5.73 -6.65
CA ARG B 40 -11.30 -4.43 -6.40
C ARG B 40 -11.33 -4.11 -4.90
N GLN B 41 -10.46 -3.19 -4.51
CA GLN B 41 -10.36 -2.80 -3.08
C GLN B 41 -10.12 -1.31 -2.95
N SER B 42 -10.92 -0.64 -2.13
CA SER B 42 -10.77 0.80 -1.85
C SER B 42 -10.76 0.98 -0.34
N PRO B 43 -10.07 2.00 0.20
CA PRO B 43 -9.98 2.17 1.65
C PRO B 43 -11.36 2.32 2.32
N SER B 44 -12.33 2.83 1.58
CA SER B 44 -13.65 3.09 2.18
C SER B 44 -14.66 2.03 1.78
N ARG B 45 -14.35 1.24 0.76
CA ARG B 45 -15.38 0.29 0.25
C ARG B 45 -15.03 -1.13 0.64
N GLY B 46 -13.75 -1.36 0.88
CA GLY B 46 -13.32 -2.73 1.19
C GLY B 46 -13.14 -3.58 -0.04
N LEU B 47 -13.10 -4.89 0.15
CA LEU B 47 -12.94 -5.84 -0.97
C LEU B 47 -14.28 -5.99 -1.66
N GLU B 48 -14.31 -5.79 -2.96
CA GLU B 48 -15.53 -5.84 -3.75
C GLU B 48 -15.34 -6.82 -4.90
N TRP B 49 -16.08 -7.93 -4.86
CA TRP B 49 -16.05 -8.87 -5.96
C TRP B 49 -16.70 -8.26 -7.21
N LEU B 50 -16.11 -8.50 -8.37
CA LEU B 50 -16.66 -7.93 -9.60
C LEU B 50 -17.27 -8.97 -10.52
N GLY B 51 -16.65 -10.12 -10.68
CA GLY B 51 -17.21 -11.19 -11.47
C GLY B 51 -16.17 -12.23 -11.82
N ARG B 52 -16.64 -13.30 -12.47
CA ARG B 52 -15.77 -14.40 -12.86
C ARG B 52 -16.06 -14.83 -14.29
N THR B 53 -15.08 -15.52 -14.87
CA THR B 53 -15.20 -16.15 -16.21
C THR B 53 -14.63 -17.56 -16.05
N TYR B 54 -15.39 -18.59 -16.41
CA TYR B 54 -14.92 -19.99 -16.25
C TYR B 54 -15.31 -20.84 -17.46
N TYR B 55 -14.52 -21.87 -17.74
CA TYR B 55 -14.78 -22.76 -18.90
C TYR B 55 -15.08 -24.18 -18.46
N ARG B 56 -16.33 -24.61 -18.58
CA ARG B 56 -16.69 -26.02 -18.31
C ARG B 56 -17.36 -26.51 -19.59
N SER B 57 -16.57 -26.91 -20.59
CA SER B 57 -17.13 -27.28 -21.91
C SER B 57 -17.50 -26.00 -22.66
N LYS B 58 -18.26 -25.14 -22.01
CA LYS B 58 -18.67 -23.86 -22.62
C LYS B 58 -18.04 -22.76 -21.77
N TRP B 59 -18.04 -21.51 -22.26
CA TRP B 59 -17.48 -20.36 -21.49
C TRP B 59 -18.60 -19.70 -20.68
N TYR B 60 -18.26 -19.16 -19.51
CA TYR B 60 -19.32 -18.61 -18.63
C TYR B 60 -18.91 -17.31 -17.95
N ASN B 61 -19.88 -16.46 -17.62
CA ASN B 61 -19.64 -15.22 -16.90
C ASN B 61 -20.68 -15.04 -15.81
N ASP B 62 -20.22 -14.80 -14.58
CA ASP B 62 -21.04 -14.22 -13.53
C ASP B 62 -20.52 -12.82 -13.23
N TYR B 63 -21.44 -11.89 -12.97
CA TYR B 63 -21.07 -10.53 -12.60
C TYR B 63 -21.80 -10.14 -11.32
N ALA B 64 -21.27 -9.13 -10.63
CA ALA B 64 -21.92 -8.61 -9.44
C ALA B 64 -22.87 -7.48 -9.82
N VAL B 65 -24.00 -7.41 -9.09
CA VAL B 65 -25.13 -6.57 -9.51
C VAL B 65 -24.74 -5.10 -9.56
N SER B 66 -23.85 -4.64 -8.68
CA SER B 66 -23.44 -3.25 -8.72
C SER B 66 -22.64 -2.88 -9.98
N VAL B 67 -22.28 -3.83 -10.84
CA VAL B 67 -21.52 -3.48 -12.03
C VAL B 67 -22.08 -4.22 -13.24
N LYS B 68 -23.08 -5.08 -12.99
CA LYS B 68 -23.66 -5.93 -14.03
C LYS B 68 -23.86 -5.19 -15.36
N SER B 69 -24.25 -3.92 -15.30
CA SER B 69 -24.59 -3.18 -16.51
C SER B 69 -23.39 -2.49 -17.14
N ARG B 70 -22.24 -2.46 -16.48
CA ARG B 70 -21.09 -1.72 -16.97
C ARG B 70 -19.88 -2.59 -17.24
N ILE B 71 -19.97 -3.91 -17.03
CA ILE B 71 -18.79 -4.75 -16.89
C ILE B 71 -18.72 -5.80 -17.99
N THR B 72 -17.50 -6.19 -18.31
CA THR B 72 -17.24 -7.29 -19.22
C THR B 72 -15.93 -7.93 -18.82
N ILE B 73 -15.93 -9.26 -18.63
CA ILE B 73 -14.72 -10.04 -18.49
C ILE B 73 -14.58 -10.97 -19.69
N ASN B 74 -13.36 -11.00 -20.25
CA ASN B 74 -13.08 -11.54 -21.58
C ASN B 74 -11.92 -12.52 -21.51
N PRO B 75 -12.12 -13.82 -21.54
CA PRO B 75 -10.96 -14.72 -21.55
C PRO B 75 -10.29 -14.73 -22.91
N ASP B 76 -9.00 -15.03 -22.91
CA ASP B 76 -8.20 -15.11 -24.15
C ASP B 76 -7.35 -16.38 -24.16
N THR B 77 -7.93 -17.48 -24.64
CA THR B 77 -7.19 -18.72 -24.84
C THR B 77 -5.95 -18.51 -25.70
N SER B 78 -5.97 -17.55 -26.62
CA SER B 78 -4.82 -17.35 -27.51
C SER B 78 -3.61 -16.92 -26.70
N LYS B 79 -3.77 -15.89 -25.88
CA LYS B 79 -2.67 -15.33 -25.12
C LYS B 79 -2.52 -15.95 -23.73
N ASN B 80 -3.52 -16.73 -23.28
CA ASN B 80 -3.60 -17.24 -21.89
C ASN B 80 -3.76 -16.09 -20.89
N GLN B 81 -4.73 -15.22 -21.16
CA GLN B 81 -5.08 -14.10 -20.30
C GLN B 81 -6.59 -13.99 -20.24
N PHE B 82 -7.07 -13.18 -19.27
CA PHE B 82 -8.44 -12.68 -19.28
C PHE B 82 -8.41 -11.19 -18.95
N SER B 83 -9.43 -10.47 -19.41
CA SER B 83 -9.44 -9.02 -19.27
C SER B 83 -10.69 -8.53 -18.56
N LEU B 84 -10.56 -7.32 -18.03
CA LEU B 84 -11.66 -6.65 -17.35
C LEU B 84 -11.94 -5.34 -18.08
N GLN B 85 -13.23 -5.07 -18.28
CA GLN B 85 -13.67 -3.79 -18.82
C GLN B 85 -14.82 -3.27 -17.99
N LEU B 86 -14.75 -2.00 -17.65
CA LEU B 86 -15.74 -1.33 -16.82
C LEU B 86 -16.07 -0.03 -17.53
N ASN B 87 -17.32 0.15 -17.93
CA ASN B 87 -17.69 1.30 -18.72
C ASN B 87 -18.00 2.49 -17.83
N SER B 88 -17.84 3.68 -18.39
CA SER B 88 -18.47 4.87 -17.82
C SER B 88 -17.95 5.15 -16.41
N VAL B 89 -16.63 5.13 -16.25
CA VAL B 89 -16.07 5.21 -14.90
C VAL B 89 -16.27 6.61 -14.33
N THR B 90 -16.39 6.67 -13.00
CA THR B 90 -16.41 7.86 -12.18
C THR B 90 -15.37 7.69 -11.07
N PRO B 91 -15.07 8.76 -10.32
CA PRO B 91 -14.17 8.61 -9.15
C PRO B 91 -14.51 7.43 -8.25
N GLU B 92 -15.76 7.01 -8.19
CA GLU B 92 -16.13 5.83 -7.40
C GLU B 92 -15.38 4.58 -7.84
N ASP B 93 -14.87 4.54 -9.07
CA ASP B 93 -14.13 3.38 -9.55
C ASP B 93 -12.64 3.43 -9.24
N THR B 94 -12.15 4.55 -8.70
CA THR B 94 -10.78 4.57 -8.20
C THR B 94 -10.62 3.48 -7.15
N ALA B 95 -9.65 2.61 -7.35
CA ALA B 95 -9.48 1.43 -6.51
C ALA B 95 -8.20 0.75 -6.94
N VAL B 96 -7.71 -0.17 -6.10
CA VAL B 96 -6.76 -1.17 -6.54
C VAL B 96 -7.55 -2.37 -7.05
N TYR B 97 -7.30 -2.79 -8.29
CA TYR B 97 -7.99 -3.92 -8.90
C TYR B 97 -7.10 -5.15 -8.86
N TYR B 98 -7.70 -6.30 -8.45
CA TYR B 98 -6.99 -7.57 -8.35
C TYR B 98 -7.64 -8.59 -9.28
N CYS B 99 -6.81 -9.41 -9.92
CA CYS B 99 -7.28 -10.65 -10.53
C CYS B 99 -6.90 -11.81 -9.62
N ALA B 100 -7.82 -12.73 -9.44
CA ALA B 100 -7.65 -13.84 -8.53
C ALA B 100 -8.16 -15.11 -9.19
N ARG B 101 -7.54 -16.24 -8.87
CA ARG B 101 -8.03 -17.54 -9.29
C ARG B 101 -8.84 -18.19 -8.18
N GLU B 102 -10.09 -18.52 -8.51
CA GLU B 102 -10.97 -19.33 -7.68
C GLU B 102 -10.71 -20.80 -8.03
N GLU B 103 -10.34 -21.60 -7.05
CA GLU B 103 -9.89 -22.96 -7.32
C GLU B 103 -10.72 -23.95 -6.52
N GLN B 104 -11.19 -24.99 -7.20
CA GLN B 104 -11.90 -26.10 -6.57
C GLN B 104 -11.02 -27.34 -6.65
N GLN B 105 -11.17 -28.21 -5.66
CA GLN B 105 -10.42 -29.47 -5.62
C GLN B 105 -11.29 -30.57 -6.21
N LEU B 106 -10.82 -31.18 -7.29
CA LEU B 106 -11.57 -32.19 -8.02
C LEU B 106 -11.08 -33.61 -7.76
N VAL B 107 -10.17 -33.80 -6.80
CA VAL B 107 -9.56 -35.08 -6.48
C VAL B 107 -9.98 -35.50 -5.07
N HIS B 108 -10.23 -36.81 -4.90
CA HIS B 108 -10.81 -37.36 -3.68
C HIS B 108 -12.02 -36.55 -3.24
N ASP B 109 -11.90 -35.90 -2.09
CA ASP B 109 -12.95 -35.02 -1.63
C ASP B 109 -12.85 -33.65 -2.32
N TYR B 110 -13.99 -33.14 -2.75
CA TYR B 110 -14.04 -31.82 -3.35
C TYR B 110 -13.78 -30.75 -2.30
N TYR B 111 -12.81 -29.88 -2.56
CA TYR B 111 -12.56 -28.72 -1.72
C TYR B 111 -12.82 -27.47 -2.55
N TYR B 112 -13.36 -26.44 -1.89
CA TYR B 112 -13.52 -25.09 -2.53
C TYR B 112 -12.61 -24.13 -1.77
N TYR B 113 -11.43 -23.88 -2.30
CA TYR B 113 -10.44 -23.05 -1.59
C TYR B 113 -10.81 -21.57 -1.62
N GLY B 114 -11.38 -21.10 -2.71
CA GLY B 114 -11.64 -19.66 -2.84
C GLY B 114 -10.54 -19.01 -3.61
N MET B 115 -10.20 -17.78 -3.29
CA MET B 115 -9.17 -17.03 -4.05
C MET B 115 -7.79 -17.45 -3.54
N ASP B 116 -7.23 -18.53 -4.10
CA ASP B 116 -5.96 -19.11 -3.62
C ASP B 116 -4.76 -18.37 -4.19
N VAL B 117 -4.93 -17.73 -5.34
CA VAL B 117 -3.82 -17.02 -5.97
C VAL B 117 -4.32 -15.66 -6.42
N TRP B 118 -3.53 -14.62 -6.15
CA TRP B 118 -3.90 -13.24 -6.42
C TRP B 118 -2.83 -12.57 -7.25
N GLY B 119 -3.23 -11.73 -8.20
CA GLY B 119 -2.27 -10.87 -8.85
C GLY B 119 -1.77 -9.80 -7.89
N GLN B 120 -0.71 -9.09 -8.29
CA GLN B 120 -0.16 -8.10 -7.35
C GLN B 120 -1.05 -6.88 -7.22
N GLY B 121 -2.06 -6.72 -8.08
CA GLY B 121 -2.92 -5.54 -8.07
C GLY B 121 -2.42 -4.35 -8.88
N THR B 122 -3.31 -3.68 -9.60
CA THR B 122 -2.97 -2.43 -10.27
C THR B 122 -3.88 -1.31 -9.80
N MET B 123 -3.28 -0.20 -9.37
CA MET B 123 -4.06 0.94 -8.90
C MET B 123 -4.55 1.70 -10.11
N VAL B 124 -5.87 1.91 -10.18
CA VAL B 124 -6.48 2.78 -11.18
C VAL B 124 -7.05 3.98 -10.45
N THR B 125 -6.67 5.17 -10.86
CA THR B 125 -7.33 6.36 -10.35
C THR B 125 -8.11 7.00 -11.49
N VAL B 126 -9.41 7.21 -11.27
CA VAL B 126 -10.32 7.85 -12.20
C VAL B 126 -10.37 9.34 -11.87
N SER B 127 -9.83 10.17 -12.75
CA SER B 127 -9.71 11.58 -12.43
C SER B 127 -9.68 12.33 -13.75
N SER B 128 -10.15 13.58 -13.72
CA SER B 128 -10.15 14.43 -14.89
C SER B 128 -8.88 15.23 -15.03
N ALA B 129 -8.00 15.19 -14.03
CA ALA B 129 -6.69 15.80 -14.16
C ALA B 129 -5.78 14.90 -14.98
N SER B 130 -4.69 15.47 -15.50
CA SER B 130 -3.84 14.69 -16.38
C SER B 130 -2.61 14.15 -15.62
N THR B 131 -2.14 12.98 -16.06
CA THR B 131 -0.91 12.41 -15.56
C THR B 131 0.22 13.42 -15.64
N LYS B 132 1.10 13.40 -14.64
CA LYS B 132 2.30 14.22 -14.62
C LYS B 132 3.42 13.41 -13.98
N GLY B 133 4.56 13.32 -14.66
CA GLY B 133 5.72 12.66 -14.10
C GLY B 133 6.36 13.46 -12.96
N PRO B 134 7.17 12.78 -12.16
CA PRO B 134 7.79 13.45 -11.01
C PRO B 134 9.00 14.29 -11.39
N SER B 135 9.28 15.29 -10.58
CA SER B 135 10.60 15.90 -10.56
C SER B 135 11.35 15.36 -9.35
N VAL B 136 12.57 14.86 -9.57
CA VAL B 136 13.33 14.19 -8.52
C VAL B 136 14.48 15.09 -8.10
N PHE B 137 14.53 15.40 -6.80
CA PHE B 137 15.62 16.23 -6.31
C PHE B 137 16.46 15.47 -5.29
N PRO B 138 17.77 15.68 -5.28
CA PRO B 138 18.61 14.92 -4.34
C PRO B 138 18.49 15.53 -2.95
N LEU B 139 18.31 14.68 -1.94
CA LEU B 139 18.44 15.11 -0.55
C LEU B 139 19.84 14.70 -0.11
N ALA B 140 20.79 15.62 -0.24
CA ALA B 140 22.23 15.30 -0.03
C ALA B 140 22.61 14.92 1.38
N PRO B 141 23.53 13.94 1.53
CA PRO B 141 24.04 13.60 2.83
C PRO B 141 24.97 14.74 3.24
N SER B 142 25.07 14.98 4.54
CA SER B 142 25.90 16.07 5.06
C SER B 142 26.38 15.67 6.44
N SER B 143 27.46 16.27 6.92
CA SER B 143 27.89 15.94 8.31
C SER B 143 26.76 16.36 9.23
N LYS B 144 25.76 17.06 8.69
CA LYS B 144 24.59 17.47 9.51
C LYS B 144 23.48 16.42 9.35
N SER B 145 23.71 15.36 8.57
CA SER B 145 22.70 14.26 8.49
C SER B 145 23.25 13.01 9.18
N THR B 146 24.47 13.09 9.74
CA THR B 146 25.12 11.92 10.38
C THR B 146 24.88 11.89 11.89
N SER B 147 24.59 10.71 12.43
CA SER B 147 24.44 10.55 13.88
C SER B 147 25.29 9.37 14.32
N GLY B 148 26.57 9.60 14.57
CA GLY B 148 27.45 8.51 15.01
C GLY B 148 28.00 7.69 13.85
N GLY B 149 28.25 8.31 12.71
CA GLY B 149 28.88 7.62 11.58
C GLY B 149 27.86 7.06 10.61
N THR B 150 26.60 7.38 10.80
CA THR B 150 25.55 6.97 9.85
C THR B 150 25.14 8.18 9.05
N ALA B 151 24.98 8.03 7.75
CA ALA B 151 24.51 9.16 6.93
C ALA B 151 23.13 8.89 6.36
N ALA B 152 22.27 9.88 6.40
CA ALA B 152 20.96 9.75 5.77
C ALA B 152 20.97 10.49 4.44
N LEU B 153 20.61 9.80 3.35
CA LEU B 153 20.56 10.43 2.03
C LEU B 153 19.25 10.06 1.33
N GLY B 154 18.76 10.94 0.47
CA GLY B 154 17.45 10.67 -0.10
C GLY B 154 17.15 11.29 -1.45
N CYS B 155 15.99 10.87 -1.98
CA CYS B 155 15.35 11.49 -3.15
C CYS B 155 13.99 12.06 -2.80
N LEU B 156 13.80 13.33 -3.16
CA LEU B 156 12.51 14.00 -3.09
C LEU B 156 11.79 13.82 -4.42
N VAL B 157 10.75 13.01 -4.43
CA VAL B 157 9.96 12.74 -5.63
C VAL B 157 8.78 13.72 -5.58
N LYS B 158 8.93 14.84 -6.28
CA LYS B 158 8.02 15.97 -6.13
C LYS B 158 7.08 16.12 -7.32
N ASP B 159 5.80 16.39 -7.01
CA ASP B 159 4.79 16.90 -7.96
C ASP B 159 4.46 15.90 -9.07
N TYR B 160 3.95 14.73 -8.68
CA TYR B 160 3.55 13.74 -9.65
C TYR B 160 2.09 13.36 -9.50
N PHE B 161 1.51 12.82 -10.59
CA PHE B 161 0.12 12.34 -10.56
C PHE B 161 -0.15 11.40 -11.72
N PRO B 162 -0.94 10.35 -11.53
CA PRO B 162 -1.53 9.86 -10.28
C PRO B 162 -0.50 9.04 -9.52
N GLU B 163 -0.97 8.27 -8.60
CA GLU B 163 -0.15 7.26 -7.96
C GLU B 163 -0.22 5.98 -8.77
N PRO B 164 0.73 5.05 -8.59
CA PRO B 164 1.86 5.15 -7.64
C PRO B 164 3.19 5.47 -8.26
N VAL B 165 4.13 5.70 -7.36
CA VAL B 165 5.57 5.71 -7.60
C VAL B 165 6.19 4.54 -6.89
N THR B 166 7.14 3.87 -7.54
CA THR B 166 8.02 2.94 -6.85
C THR B 166 9.46 3.45 -6.91
N VAL B 167 10.18 3.31 -5.78
CA VAL B 167 11.54 3.79 -5.63
C VAL B 167 12.42 2.60 -5.30
N SER B 168 13.50 2.44 -6.04
CA SER B 168 14.52 1.50 -5.64
C SER B 168 15.82 2.27 -5.48
N TRP B 169 16.84 1.60 -4.95
CA TRP B 169 18.16 2.19 -4.83
C TRP B 169 19.18 1.30 -5.52
N ASN B 170 20.08 1.93 -6.28
CA ASN B 170 21.18 1.22 -6.94
C ASN B 170 20.64 0.01 -7.72
N SER B 171 19.53 0.25 -8.44
CA SER B 171 18.84 -0.74 -9.26
C SER B 171 18.42 -1.97 -8.44
N GLY B 172 18.10 -1.76 -7.17
CA GLY B 172 17.63 -2.84 -6.33
C GLY B 172 18.73 -3.61 -5.63
N ALA B 173 19.98 -3.17 -5.73
CA ALA B 173 21.09 -3.79 -5.00
C ALA B 173 21.14 -3.34 -3.55
N LEU B 174 20.84 -2.06 -3.30
CA LEU B 174 20.84 -1.50 -1.96
C LEU B 174 19.43 -1.60 -1.42
N THR B 175 19.20 -2.51 -0.47
CA THR B 175 17.90 -2.66 0.17
C THR B 175 17.93 -2.51 1.67
N SER B 176 19.05 -2.69 2.33
CA SER B 176 19.04 -2.54 3.77
C SER B 176 19.11 -1.07 4.16
N GLY B 177 18.35 -0.69 5.18
CA GLY B 177 18.31 0.69 5.61
C GLY B 177 17.55 1.63 4.70
N VAL B 178 16.76 1.10 3.76
CA VAL B 178 15.95 1.92 2.84
C VAL B 178 14.60 2.20 3.45
N HIS B 179 14.19 3.47 3.44
CA HIS B 179 12.89 3.83 3.98
C HIS B 179 12.19 4.71 2.96
N THR B 180 11.10 4.25 2.38
CA THR B 180 10.32 5.09 1.47
C THR B 180 9.00 5.45 2.15
N PHE B 181 8.75 6.75 2.28
CA PHE B 181 7.66 7.38 3.01
C PHE B 181 6.45 7.57 2.12
N PRO B 182 5.26 7.18 2.56
CA PRO B 182 4.08 7.39 1.72
C PRO B 182 3.88 8.86 1.37
N ALA B 183 3.12 9.09 0.31
CA ALA B 183 3.12 10.38 -0.34
C ALA B 183 2.19 11.36 0.37
N VAL B 184 2.50 12.64 0.25
CA VAL B 184 1.61 13.70 0.70
C VAL B 184 0.85 14.20 -0.52
N LEU B 185 -0.45 14.47 -0.33
CA LEU B 185 -1.28 15.09 -1.35
C LEU B 185 -1.21 16.59 -1.16
N GLN B 186 -0.54 17.29 -2.08
CA GLN B 186 -0.43 18.74 -1.97
C GLN B 186 -1.77 19.40 -2.23
N SER B 187 -1.88 20.68 -1.84
CA SER B 187 -3.10 21.43 -2.05
C SER B 187 -3.35 21.72 -3.52
N SER B 188 -2.31 21.57 -4.36
CA SER B 188 -2.45 21.57 -5.81
C SER B 188 -3.04 20.27 -6.31
N GLY B 189 -3.24 19.28 -5.44
CA GLY B 189 -3.69 17.98 -5.92
C GLY B 189 -2.64 17.19 -6.67
N LEU B 190 -1.38 17.53 -6.47
CA LEU B 190 -0.26 16.72 -6.93
C LEU B 190 0.36 16.01 -5.73
N TYR B 191 1.07 14.93 -6.00
CA TYR B 191 1.70 14.16 -4.94
C TYR B 191 3.18 14.46 -4.81
N SER B 192 3.69 14.27 -3.59
CA SER B 192 5.11 14.25 -3.33
C SER B 192 5.43 13.21 -2.28
N LEU B 193 6.67 12.78 -2.30
CA LEU B 193 7.12 11.58 -1.63
C LEU B 193 8.62 11.71 -1.35
N SER B 194 9.08 11.10 -0.28
CA SER B 194 10.51 11.11 0.01
C SER B 194 10.94 9.71 0.34
N SER B 195 12.19 9.40 0.01
CA SER B 195 12.78 8.08 0.18
C SER B 195 14.19 8.30 0.69
N VAL B 196 14.58 7.57 1.74
CA VAL B 196 15.91 7.73 2.33
C VAL B 196 16.53 6.36 2.57
N VAL B 197 17.85 6.30 2.40
CA VAL B 197 18.65 5.17 2.85
C VAL B 197 19.60 5.68 3.92
N THR B 198 19.73 4.90 5.00
CA THR B 198 20.79 5.14 5.97
C THR B 198 22.01 4.32 5.58
N VAL B 199 23.17 4.96 5.53
CA VAL B 199 24.38 4.30 5.05
C VAL B 199 25.55 4.69 5.94
N PRO B 200 26.59 3.85 5.97
CA PRO B 200 27.82 4.24 6.67
C PRO B 200 28.39 5.50 6.05
N SER B 201 28.67 6.50 6.88
CA SER B 201 29.19 7.71 6.26
C SER B 201 30.57 7.47 5.66
N SER B 202 31.29 6.45 6.14
CA SER B 202 32.58 6.03 5.61
C SER B 202 32.50 5.50 4.19
N SER B 203 31.31 5.20 3.68
CA SER B 203 31.12 4.73 2.31
C SER B 203 30.70 5.83 1.35
N LEU B 204 30.64 7.08 1.81
CA LEU B 204 30.19 8.15 0.94
C LEU B 204 31.22 8.47 -0.13
N GLY B 205 32.49 8.22 0.15
CA GLY B 205 33.51 8.47 -0.84
C GLY B 205 33.83 7.31 -1.75
N THR B 206 33.22 6.13 -1.53
CA THR B 206 33.53 4.95 -2.32
C THR B 206 32.33 4.30 -2.99
N GLN B 207 31.10 4.61 -2.55
CA GLN B 207 29.88 4.00 -3.07
C GLN B 207 29.05 5.07 -3.74
N THR B 208 28.68 4.85 -4.99
CA THR B 208 27.71 5.73 -5.60
C THR B 208 26.31 5.31 -5.16
N TYR B 209 25.46 6.29 -4.92
CA TYR B 209 24.08 6.05 -4.51
C TYR B 209 23.15 6.64 -5.55
N ILE B 210 22.23 5.82 -6.06
CA ILE B 210 21.27 6.27 -7.06
C ILE B 210 19.89 5.77 -6.67
N CYS B 211 18.92 6.67 -6.63
CA CYS B 211 17.54 6.26 -6.47
C CYS B 211 16.90 6.13 -7.84
N ASN B 212 16.17 5.06 -8.04
CA ASN B 212 15.50 4.80 -9.31
C ASN B 212 14.02 5.00 -9.08
N VAL B 213 13.48 6.09 -9.61
CA VAL B 213 12.07 6.41 -9.44
C VAL B 213 11.34 5.98 -10.69
N ASN B 214 10.41 5.04 -10.56
CA ASN B 214 9.60 4.61 -11.68
C ASN B 214 8.18 5.13 -11.51
N HIS B 215 7.68 5.86 -12.50
CA HIS B 215 6.31 6.35 -12.55
C HIS B 215 5.64 5.77 -13.80
N LYS B 216 5.23 4.51 -13.73
CA LYS B 216 4.52 3.86 -14.83
C LYS B 216 3.40 4.71 -15.40
N PRO B 217 2.52 5.34 -14.60
CA PRO B 217 1.45 6.15 -15.19
C PRO B 217 1.90 7.14 -16.26
N SER B 218 3.14 7.62 -16.23
CA SER B 218 3.60 8.58 -17.21
C SER B 218 4.74 8.03 -18.07
N ASN B 219 4.95 6.71 -18.04
CA ASN B 219 6.07 6.05 -18.73
C ASN B 219 7.35 6.83 -18.58
N THR B 220 7.64 7.17 -17.33
CA THR B 220 8.81 7.92 -16.96
C THR B 220 9.54 7.15 -15.87
N LYS B 221 10.85 7.11 -16.00
CA LYS B 221 11.73 6.53 -15.00
C LYS B 221 12.85 7.53 -14.82
N VAL B 222 13.15 7.87 -13.57
CA VAL B 222 14.24 8.80 -13.28
C VAL B 222 15.22 8.10 -12.34
N ASP B 223 16.51 8.16 -12.71
CA ASP B 223 17.63 7.72 -11.88
C ASP B 223 18.38 8.99 -11.47
N LYS B 224 18.46 9.25 -10.17
CA LYS B 224 19.10 10.47 -9.70
C LYS B 224 20.28 10.09 -8.82
N ARG B 225 21.46 10.60 -9.14
CA ARG B 225 22.67 10.32 -8.34
C ARG B 225 22.71 11.28 -7.17
N VAL B 226 22.82 10.75 -5.96
CA VAL B 226 22.80 11.61 -4.75
C VAL B 226 24.22 11.69 -4.24
N GLU B 227 24.83 12.85 -4.37
CA GLU B 227 26.22 13.03 -3.92
C GLU B 227 26.22 13.91 -2.68
N PRO B 228 27.23 13.77 -1.82
CA PRO B 228 27.31 14.57 -0.64
C PRO B 228 27.86 15.97 -0.94
N LYS B 229 27.70 16.90 0.01
CA LYS B 229 28.36 18.22 -0.16
C LYS B 229 28.83 18.71 1.21
#